data_3UWE
#
_entry.id   3UWE
#
_cell.length_a   58.473
_cell.length_b   64.699
_cell.length_c   96.959
_cell.angle_alpha   90.00
_cell.angle_beta   90.00
_cell.angle_gamma   90.00
#
_symmetry.space_group_name_H-M   'P 21 21 21'
#
loop_
_entity.id
_entity.type
_entity.pdbx_description
1 polymer 'Aldo-keto reductase family 1 member C3'
2 non-polymer 'NADP NICOTINAMIDE-ADENINE-DINUCLEOTIDE PHOSPHATE'
3 non-polymer '3-phenoxybenzoic acid'
4 non-polymer 1,2-ETHANEDIOL
5 water water
#
_entity_poly.entity_id   1
_entity_poly.type   'polypeptide(L)'
_entity_poly.pdbx_seq_one_letter_code
;MDSKHQCVKLNDGHFMPVLGFGTYAPPEVPRSKALEVTKLAIEAGFRHIDSAHLYNNEEQVGLAIRSKIADGSVKREDIF
YTSKLWSTFHRPELVRPALENSLKKAQLDYVDLYLIHSPMSLKPGEELSPTDENGKVIFDIVDLCTTWEAMEKCKDAGLA
KSIGVSNFNRRQLEMILNKPGLKYKPVCNQVECHPYFNRSKLLDFCKSKDIVLVAYSALGSQRDKRWVDPNSPVLLEDPV
L(CSX)ALAKKHKRTPALIALRYQLQRGVVVLAKSYNEQRIRQNVQVFEFQLTAEDMKAIDGLDRNLHYFNSDSFASHPN
YPYSDEYLEHHHHHH
;
_entity_poly.pdbx_strand_id   A
#
loop_
_chem_comp.id
_chem_comp.type
_chem_comp.name
_chem_comp.formula
EDO non-polymer 1,2-ETHANEDIOL 'C2 H6 O2'
NAP non-polymer 'NADP NICOTINAMIDE-ADENINE-DINUCLEOTIDE PHOSPHATE' 'C21 H28 N7 O17 P3'
VJJ non-polymer '3-phenoxybenzoic acid' 'C13 H10 O3'
#
# COMPACT_ATOMS: atom_id res chain seq x y z
N GLN A 6 -10.79 8.13 -13.26
CA GLN A 6 -9.63 7.34 -12.80
C GLN A 6 -9.57 7.33 -11.27
N CYS A 7 -10.72 7.54 -10.65
CA CYS A 7 -10.85 7.62 -9.18
C CYS A 7 -11.91 6.63 -8.70
N VAL A 8 -11.81 6.18 -7.44
CA VAL A 8 -12.85 5.47 -6.77
C VAL A 8 -13.35 6.26 -5.55
N LYS A 9 -14.64 6.19 -5.29
CA LYS A 9 -15.20 6.95 -4.18
C LYS A 9 -15.09 6.10 -2.95
N LEU A 10 -14.40 6.62 -1.92
CA LEU A 10 -14.31 5.93 -0.64
C LEU A 10 -15.54 6.00 0.23
N ASN A 11 -15.58 5.12 1.20
CA ASN A 11 -16.78 5.06 2.07
C ASN A 11 -16.98 6.30 2.97
N ASP A 12 -16.01 7.26 2.99
CA ASP A 12 -16.19 8.53 3.76
C ASP A 12 -16.42 9.69 2.82
N GLY A 13 -16.59 9.40 1.54
CA GLY A 13 -16.91 10.37 0.50
C GLY A 13 -15.78 11.01 -0.21
N HIS A 14 -14.54 10.81 0.29
CA HIS A 14 -13.40 11.27 -0.46
C HIS A 14 -13.12 10.29 -1.61
N PHE A 15 -12.30 10.73 -2.54
CA PHE A 15 -11.98 10.00 -3.78
C PHE A 15 -10.50 9.62 -3.79
N MET A 16 -10.20 8.43 -4.30
CA MET A 16 -8.81 7.89 -4.31
C MET A 16 -8.51 7.51 -5.75
N PRO A 17 -7.41 8.01 -6.31
CA PRO A 17 -7.03 7.61 -7.70
C PRO A 17 -6.68 6.09 -7.74
N VAL A 18 -7.09 5.43 -8.81
CA VAL A 18 -7.08 3.93 -8.79
C VAL A 18 -5.71 3.39 -9.18
N LEU A 19 -4.80 4.25 -9.62
CA LEU A 19 -3.42 3.80 -9.82
C LEU A 19 -2.52 4.69 -8.93
N GLY A 20 -1.73 4.03 -8.07
CA GLY A 20 -0.83 4.77 -7.18
C GLY A 20 0.63 4.41 -7.42
N PHE A 21 1.52 5.37 -7.08
CA PHE A 21 2.95 5.29 -7.22
C PHE A 21 3.54 4.80 -5.95
N GLY A 22 4.24 3.62 -6.04
CA GLY A 22 4.93 3.05 -4.87
C GLY A 22 6.29 3.75 -4.73
N THR A 23 6.58 4.22 -3.53
CA THR A 23 7.83 5.00 -3.28
C THR A 23 8.89 4.24 -2.52
N TYR A 24 8.64 3.01 -2.06
CA TYR A 24 9.68 2.42 -1.22
C TYR A 24 10.90 2.03 -2.10
N ALA A 25 12.12 2.35 -1.62
CA ALA A 25 13.31 1.76 -2.21
C ALA A 25 14.28 1.40 -1.08
N PRO A 26 15.09 0.35 -1.28
CA PRO A 26 15.94 -0.08 -0.18
C PRO A 26 17.01 1.00 0.14
N PRO A 27 17.55 0.98 1.38
CA PRO A 27 18.61 1.90 1.78
C PRO A 27 19.82 2.00 0.78
N GLU A 28 20.13 0.98 -0.02
CA GLU A 28 21.24 1.21 -1.00
C GLU A 28 20.94 2.24 -2.13
N VAL A 29 19.67 2.56 -2.35
CA VAL A 29 19.32 3.64 -3.26
C VAL A 29 19.43 5.00 -2.51
N PRO A 30 20.23 6.01 -3.00
CA PRO A 30 20.23 7.36 -2.37
C PRO A 30 18.81 7.99 -2.24
N ARG A 31 18.55 8.55 -1.06
CA ARG A 31 17.36 9.37 -0.74
C ARG A 31 16.95 10.36 -1.80
N SER A 32 17.91 11.03 -2.44
CA SER A 32 17.57 11.91 -3.54
C SER A 32 16.86 11.23 -4.70
N LYS A 33 17.01 9.92 -4.86
CA LYS A 33 16.25 9.28 -5.99
C LYS A 33 14.75 9.38 -5.73
N ALA A 34 14.29 9.29 -4.47
CA ALA A 34 12.77 9.39 -4.23
C ALA A 34 12.24 10.74 -4.70
N LEU A 35 13.02 11.80 -4.50
CA LEU A 35 12.54 13.11 -4.97
C LEU A 35 12.34 13.15 -6.53
N GLU A 36 13.35 12.66 -7.26
CA GLU A 36 13.40 12.69 -8.68
C GLU A 36 12.32 11.79 -9.27
N VAL A 37 12.15 10.59 -8.71
CA VAL A 37 11.20 9.66 -9.35
C VAL A 37 9.81 10.04 -8.99
N THR A 38 9.58 10.65 -7.83
CA THR A 38 8.19 11.05 -7.52
C THR A 38 7.78 12.21 -8.45
N LYS A 39 8.70 13.15 -8.71
CA LYS A 39 8.40 14.14 -9.74
C LYS A 39 8.10 13.52 -11.06
N LEU A 40 8.89 12.57 -11.51
CA LEU A 40 8.65 11.95 -12.78
C LEU A 40 7.30 11.23 -12.75
N ALA A 41 6.95 10.60 -11.62
CA ALA A 41 5.67 9.94 -11.59
C ALA A 41 4.53 10.91 -11.81
N ILE A 42 4.60 12.05 -11.13
CA ILE A 42 3.55 13.08 -11.24
C ILE A 42 3.50 13.60 -12.69
N GLU A 43 4.68 13.78 -13.30
CA GLU A 43 4.75 14.26 -14.71
C GLU A 43 4.07 13.22 -15.60
N ALA A 44 4.25 11.93 -15.26
CA ALA A 44 3.70 10.85 -16.12
C ALA A 44 2.18 10.74 -15.98
N GLY A 45 1.63 11.25 -14.90
CA GLY A 45 0.21 11.23 -14.63
C GLY A 45 -0.28 10.54 -13.37
N PHE A 46 0.65 9.97 -12.59
CA PHE A 46 0.25 9.44 -11.29
C PHE A 46 -0.25 10.62 -10.44
N ARG A 47 -1.32 10.38 -9.66
CA ARG A 47 -1.90 11.36 -8.75
C ARG A 47 -2.11 10.79 -7.35
N HIS A 48 -1.78 9.51 -7.18
CA HIS A 48 -1.84 8.89 -5.87
C HIS A 48 -0.39 8.48 -5.58
N ILE A 49 0.08 8.91 -4.43
CA ILE A 49 1.48 8.72 -4.05
CA ILE A 49 1.49 8.69 -4.05
C ILE A 49 1.55 7.97 -2.73
N ASP A 50 2.19 6.83 -2.71
CA ASP A 50 2.22 5.94 -1.46
C ASP A 50 3.55 5.95 -0.71
N SER A 51 3.52 6.52 0.51
CA SER A 51 4.73 6.61 1.33
C SER A 51 4.46 6.06 2.73
N ALA A 52 5.35 6.27 3.67
CA ALA A 52 5.21 5.73 5.01
C ALA A 52 6.40 6.16 5.84
N HIS A 53 6.20 6.22 7.15
CA HIS A 53 7.35 6.50 8.06
C HIS A 53 8.49 5.47 7.80
N LEU A 54 8.11 4.20 7.64
CA LEU A 54 9.11 3.12 7.44
C LEU A 54 10.09 3.46 6.29
N TYR A 55 9.64 4.19 5.30
CA TYR A 55 10.40 4.30 4.03
C TYR A 55 11.55 5.31 4.11
N ASN A 56 11.54 6.11 5.18
CA ASN A 56 12.62 7.10 5.42
C ASN A 56 12.76 7.97 4.13
N ASN A 57 11.63 8.31 3.50
CA ASN A 57 11.68 9.17 2.30
C ASN A 57 10.59 10.24 2.25
N GLU A 58 9.89 10.46 3.37
CA GLU A 58 8.77 11.39 3.37
C GLU A 58 9.22 12.86 3.04
N GLU A 59 10.45 13.22 3.42
CA GLU A 59 10.92 14.58 3.10
C GLU A 59 11.06 14.74 1.60
N GLN A 60 11.63 13.74 0.94
CA GLN A 60 11.88 13.82 -0.50
CA GLN A 60 11.88 13.82 -0.50
C GLN A 60 10.56 13.69 -1.24
N VAL A 61 9.71 12.74 -0.80
CA VAL A 61 8.45 12.60 -1.50
C VAL A 61 7.58 13.86 -1.30
N GLY A 62 7.51 14.38 -0.07
CA GLY A 62 6.72 15.55 0.12
C GLY A 62 7.29 16.73 -0.64
N LEU A 63 8.61 16.79 -0.77
CA LEU A 63 9.24 17.90 -1.57
C LEU A 63 8.88 17.75 -3.06
N ALA A 64 8.88 16.52 -3.60
CA ALA A 64 8.46 16.28 -4.96
C ALA A 64 7.05 16.77 -5.17
N ILE A 65 6.14 16.56 -4.22
CA ILE A 65 4.74 16.97 -4.38
C ILE A 65 4.64 18.49 -4.32
N ARG A 66 5.36 19.07 -3.38
CA ARG A 66 5.35 20.56 -3.23
C ARG A 66 5.99 21.24 -4.44
N SER A 67 7.01 20.60 -4.99
CA SER A 67 7.67 21.13 -6.15
C SER A 67 6.76 21.15 -7.40
N LYS A 68 5.99 20.06 -7.58
CA LYS A 68 5.02 19.98 -8.67
C LYS A 68 3.81 20.89 -8.44
N ILE A 69 3.55 21.25 -7.19
CA ILE A 69 2.49 22.24 -6.90
C ILE A 69 3.08 23.61 -7.25
N ALA A 70 4.33 23.86 -6.82
CA ALA A 70 5.00 25.18 -7.04
C ALA A 70 5.18 25.50 -8.52
N ASP A 71 5.46 24.49 -9.35
CA ASP A 71 5.70 24.77 -10.75
C ASP A 71 4.42 24.82 -11.59
N GLY A 72 3.25 24.82 -10.96
CA GLY A 72 1.98 24.82 -11.67
C GLY A 72 1.42 23.54 -12.26
N SER A 73 2.09 22.38 -12.12
CA SER A 73 1.59 21.12 -12.77
C SER A 73 0.32 20.58 -12.11
N VAL A 74 0.27 20.63 -10.79
CA VAL A 74 -0.90 20.14 -10.07
C VAL A 74 -1.21 21.09 -8.92
N LYS A 75 -2.42 21.00 -8.38
CA LYS A 75 -2.80 21.67 -7.13
C LYS A 75 -2.74 20.57 -6.05
N ARG A 76 -2.61 20.99 -4.79
CA ARG A 76 -2.64 20.04 -3.64
C ARG A 76 -3.85 19.11 -3.72
N GLU A 77 -5.02 19.66 -4.04
CA GLU A 77 -6.26 18.89 -4.07
C GLU A 77 -6.26 17.82 -5.21
N ASP A 78 -5.30 17.87 -6.15
CA ASP A 78 -5.27 16.94 -7.26
C ASP A 78 -4.42 15.68 -6.84
N ILE A 79 -3.72 15.79 -5.73
CA ILE A 79 -2.75 14.76 -5.29
C ILE A 79 -3.36 14.01 -4.16
N PHE A 80 -3.24 12.66 -4.20
CA PHE A 80 -3.67 11.84 -3.07
C PHE A 80 -2.37 11.25 -2.48
N TYR A 81 -2.03 11.72 -1.28
CA TYR A 81 -0.82 11.33 -0.56
C TYR A 81 -1.17 10.47 0.61
N THR A 82 -0.48 9.29 0.70
CA THR A 82 -0.70 8.35 1.81
C THR A 82 0.55 8.22 2.64
N SER A 83 0.38 8.27 3.95
CA SER A 83 1.46 7.77 4.80
C SER A 83 0.93 6.75 5.76
N LYS A 84 1.82 6.17 6.58
CA LYS A 84 1.42 4.97 7.37
C LYS A 84 2.07 5.05 8.73
N LEU A 85 1.25 4.67 9.73
CA LEU A 85 1.74 4.56 11.12
C LEU A 85 2.66 3.32 11.28
N TRP A 86 3.90 3.50 11.67
CA TRP A 86 4.70 2.31 11.85
C TRP A 86 4.35 1.54 13.17
N SER A 87 4.76 0.27 13.26
CA SER A 87 4.23 -0.68 14.21
C SER A 87 4.82 -0.43 15.62
N THR A 88 5.86 0.35 15.72
CA THR A 88 6.40 0.75 17.06
C THR A 88 5.54 1.91 17.65
N PHE A 89 4.54 2.43 16.90
CA PHE A 89 3.69 3.54 17.36
C PHE A 89 2.22 3.18 17.49
N HIS A 90 1.92 1.90 17.71
CA HIS A 90 0.56 1.46 17.91
C HIS A 90 -0.12 2.01 19.21
N ARG A 91 0.69 2.20 20.24
CA ARG A 91 0.10 2.62 21.52
C ARG A 91 -0.63 3.95 21.20
N PRO A 92 -1.92 4.11 21.59
CA PRO A 92 -2.77 5.13 21.03
C PRO A 92 -2.24 6.55 21.26
N GLU A 93 -1.56 6.75 22.38
CA GLU A 93 -0.98 8.08 22.67
C GLU A 93 0.14 8.40 21.71
N LEU A 94 0.69 7.38 21.02
CA LEU A 94 1.78 7.67 20.03
C LEU A 94 1.30 7.98 18.57
N VAL A 95 0.03 7.77 18.27
CA VAL A 95 -0.51 7.82 16.90
C VAL A 95 -0.50 9.23 16.35
N ARG A 96 -1.15 10.19 17.05
CA ARG A 96 -1.18 11.55 16.52
C ARG A 96 0.22 12.20 16.37
N PRO A 97 1.13 12.05 17.38
CA PRO A 97 2.44 12.60 17.27
C PRO A 97 3.16 11.94 16.05
N ALA A 98 2.94 10.63 15.82
CA ALA A 98 3.63 10.00 14.65
C ALA A 98 3.15 10.61 13.35
N LEU A 99 1.85 10.85 13.27
CA LEU A 99 1.25 11.46 12.07
C LEU A 99 1.74 12.91 11.94
N GLU A 100 1.82 13.61 13.06
CA GLU A 100 2.28 15.00 12.92
C GLU A 100 3.73 15.06 12.50
N ASN A 101 4.52 14.05 12.91
CA ASN A 101 5.93 13.98 12.51
C ASN A 101 6.03 13.68 11.02
N SER A 102 5.14 12.80 10.52
CA SER A 102 5.12 12.52 9.04
C SER A 102 4.79 13.75 8.26
N LEU A 103 3.84 14.55 8.78
CA LEU A 103 3.39 15.76 8.10
C LEU A 103 4.50 16.81 8.09
N LYS A 104 5.15 16.94 9.25
CA LYS A 104 6.33 17.89 9.34
C LYS A 104 7.46 17.46 8.36
N LYS A 105 7.71 16.17 8.24
CA LYS A 105 8.74 15.68 7.30
C LYS A 105 8.37 16.05 5.87
N ALA A 106 7.10 15.79 5.48
CA ALA A 106 6.68 16.14 4.12
C ALA A 106 6.37 17.61 3.89
N GLN A 107 6.25 18.38 4.98
CA GLN A 107 5.88 19.79 4.95
C GLN A 107 4.48 20.01 4.34
N LEU A 108 3.54 19.15 4.71
CA LEU A 108 2.17 19.15 4.20
C LEU A 108 1.27 19.41 5.39
N ASP A 109 0.07 19.99 5.16
CA ASP A 109 -0.86 20.24 6.28
C ASP A 109 -1.69 19.03 6.64
N TYR A 110 -1.83 18.09 5.69
CA TYR A 110 -2.65 16.89 5.92
C TYR A 110 -2.21 15.80 4.96
N VAL A 111 -2.44 14.55 5.36
CA VAL A 111 -2.36 13.47 4.38
C VAL A 111 -3.75 13.15 3.85
N ASP A 112 -3.83 12.62 2.63
CA ASP A 112 -5.14 12.14 2.10
C ASP A 112 -5.58 10.89 2.81
N LEU A 113 -4.57 10.09 3.18
CA LEU A 113 -4.83 8.76 3.76
C LEU A 113 -3.76 8.44 4.77
N TYR A 114 -4.16 8.07 5.97
CA TYR A 114 -3.22 7.52 6.94
C TYR A 114 -3.60 6.10 7.25
N LEU A 115 -2.61 5.20 7.13
CA LEU A 115 -2.92 3.78 7.48
C LEU A 115 -2.19 3.27 8.71
N ILE A 116 -2.82 2.31 9.42
CA ILE A 116 -2.03 1.43 10.24
C ILE A 116 -1.18 0.52 9.29
N HIS A 117 0.16 0.58 9.40
CA HIS A 117 0.93 -0.06 8.31
C HIS A 117 0.74 -1.57 8.47
N SER A 118 0.65 -2.07 9.73
CA SER A 118 0.71 -3.53 9.91
C SER A 118 0.03 -3.79 11.27
N PRO A 119 -0.64 -4.96 11.42
CA PRO A 119 -1.23 -5.32 12.73
C PRO A 119 -0.18 -5.86 13.69
N MET A 120 1.06 -6.07 13.25
CA MET A 120 2.08 -6.76 14.03
C MET A 120 2.81 -5.77 14.88
N SER A 121 2.22 -5.50 16.05
CA SER A 121 2.83 -4.46 16.97
C SER A 121 4.26 -4.78 17.44
N LEU A 122 5.14 -3.75 17.47
CA LEU A 122 6.52 -3.87 17.86
C LEU A 122 6.84 -2.92 19.07
N LYS A 123 7.83 -3.31 19.87
CA LYS A 123 8.20 -2.56 21.09
C LYS A 123 8.37 -1.06 20.75
N PRO A 124 7.70 -0.13 21.50
CA PRO A 124 7.77 1.33 21.22
C PRO A 124 9.15 1.90 21.33
N LEU A 128 13.11 1.07 14.29
CA LEU A 128 12.06 0.52 13.40
C LEU A 128 11.84 -0.99 13.58
N SER A 129 12.96 -1.72 13.68
N SER A 129 12.94 -1.74 13.73
CA SER A 129 12.97 -3.16 14.01
CA SER A 129 12.85 -3.18 14.02
C SER A 129 13.71 -3.32 15.36
C SER A 129 13.59 -3.50 15.33
N PRO A 130 12.98 -3.15 16.49
CA PRO A 130 13.61 -3.43 17.82
C PRO A 130 14.00 -4.92 17.94
N THR A 131 15.26 -5.19 18.27
CA THR A 131 15.78 -6.57 18.43
C THR A 131 16.44 -6.76 19.80
N ASP A 132 16.23 -7.95 20.36
CA ASP A 132 16.91 -8.34 21.60
C ASP A 132 18.37 -8.72 21.29
N GLU A 133 19.14 -9.05 22.33
CA GLU A 133 20.57 -9.36 22.17
C GLU A 133 20.94 -10.59 21.28
N ASN A 134 19.99 -11.50 21.03
CA ASN A 134 20.25 -12.65 20.12
C ASN A 134 20.13 -12.30 18.64
N GLY A 135 19.29 -11.31 18.35
CA GLY A 135 18.88 -10.98 16.97
C GLY A 135 17.37 -11.09 16.76
N LYS A 136 16.65 -11.56 17.80
CA LYS A 136 15.19 -11.77 17.73
C LYS A 136 14.39 -10.42 17.80
N VAL A 137 13.40 -10.26 16.90
CA VAL A 137 12.55 -9.04 16.87
C VAL A 137 11.77 -8.93 18.20
N ILE A 138 11.62 -7.72 18.76
CA ILE A 138 10.79 -7.54 19.99
C ILE A 138 9.33 -7.10 19.77
N PHE A 139 8.39 -7.99 20.03
CA PHE A 139 6.97 -7.71 19.76
C PHE A 139 6.33 -6.93 20.91
N ASP A 140 5.13 -6.43 20.69
CA ASP A 140 4.31 -5.71 21.65
C ASP A 140 2.89 -6.26 21.59
N ILE A 141 2.12 -6.09 22.66
CA ILE A 141 0.72 -6.39 22.63
CA ILE A 141 0.71 -6.41 22.64
C ILE A 141 -0.06 -5.14 22.82
N VAL A 142 -0.82 -4.75 21.79
CA VAL A 142 -1.63 -3.57 21.82
C VAL A 142 -2.99 -3.86 21.33
N ASP A 143 -3.98 -3.32 22.01
CA ASP A 143 -5.36 -3.39 21.51
C ASP A 143 -5.55 -2.45 20.32
N LEU A 144 -5.61 -3.04 19.11
CA LEU A 144 -5.65 -2.21 17.90
C LEU A 144 -6.95 -1.50 17.77
N CYS A 145 -7.98 -1.91 18.52
CA CYS A 145 -9.15 -1.03 18.62
C CYS A 145 -8.84 0.39 19.23
N THR A 146 -7.94 0.46 20.20
CA THR A 146 -7.51 1.75 20.76
C THR A 146 -6.66 2.57 19.77
N THR A 147 -5.81 1.84 19.03
CA THR A 147 -5.08 2.47 17.94
C THR A 147 -6.06 3.06 16.95
N TRP A 148 -7.11 2.30 16.61
CA TRP A 148 -8.05 2.78 15.67
C TRP A 148 -8.77 4.04 16.20
N GLU A 149 -9.17 4.07 17.46
CA GLU A 149 -9.80 5.28 17.99
C GLU A 149 -8.90 6.48 17.87
N ALA A 150 -7.60 6.28 18.11
CA ALA A 150 -6.60 7.38 17.88
C ALA A 150 -6.53 7.84 16.44
N MET A 151 -6.63 6.89 15.47
CA MET A 151 -6.78 7.27 14.05
C MET A 151 -8.00 8.07 13.75
N GLU A 152 -9.12 7.65 14.33
CA GLU A 152 -10.35 8.42 14.09
C GLU A 152 -10.24 9.87 14.56
N LYS A 153 -9.57 10.08 15.68
CA LYS A 153 -9.34 11.47 16.22
C LYS A 153 -8.47 12.25 15.25
N CYS A 154 -7.53 11.57 14.59
CA CYS A 154 -6.71 12.27 13.58
C CYS A 154 -7.52 12.72 12.38
N LYS A 155 -8.50 11.91 11.92
CA LYS A 155 -9.40 12.34 10.89
C LYS A 155 -10.27 13.56 11.38
N ASP A 156 -10.78 13.47 12.59
CA ASP A 156 -11.67 14.57 13.18
C ASP A 156 -10.86 15.88 13.26
N ALA A 157 -9.56 15.74 13.50
CA ALA A 157 -8.63 16.91 13.60
C ALA A 157 -8.29 17.48 12.26
N GLY A 158 -8.47 16.71 11.18
CA GLY A 158 -8.15 17.19 9.85
C GLY A 158 -6.69 16.88 9.46
N LEU A 159 -6.03 16.04 10.25
CA LEU A 159 -4.65 15.63 9.95
C LEU A 159 -4.65 14.62 8.81
N ALA A 160 -5.72 13.79 8.75
CA ALA A 160 -5.84 12.85 7.60
C ALA A 160 -7.27 13.00 7.07
N LYS A 161 -7.40 13.16 5.77
CA LYS A 161 -8.77 13.13 5.19
C LYS A 161 -9.49 11.81 5.39
N SER A 162 -8.74 10.70 5.19
CA SER A 162 -9.26 9.35 5.31
C SER A 162 -8.29 8.51 6.07
N ILE A 163 -8.83 7.48 6.68
CA ILE A 163 -8.00 6.54 7.46
C ILE A 163 -8.32 5.09 7.08
N GLY A 164 -7.32 4.24 7.12
CA GLY A 164 -7.50 2.86 6.64
C GLY A 164 -6.43 1.98 7.29
N VAL A 165 -6.41 0.69 6.87
CA VAL A 165 -5.43 -0.22 7.46
C VAL A 165 -4.64 -0.91 6.32
N SER A 166 -3.62 -1.60 6.80
CA SER A 166 -2.79 -2.37 5.84
C SER A 166 -2.33 -3.65 6.50
N ASN A 167 -2.23 -4.69 5.64
CA ASN A 167 -1.79 -6.02 6.07
C ASN A 167 -2.77 -6.65 7.13
N PHE A 168 -4.03 -6.28 7.07
CA PHE A 168 -4.97 -6.90 7.95
C PHE A 168 -5.60 -8.08 7.20
N ASN A 169 -5.84 -9.13 7.97
CA ASN A 169 -6.65 -10.21 7.47
C ASN A 169 -8.15 -9.97 7.80
N ARG A 170 -9.01 -10.90 7.35
CA ARG A 170 -10.46 -10.67 7.50
C ARG A 170 -10.87 -10.46 8.97
N ARG A 171 -10.36 -11.34 9.81
CA ARG A 171 -10.60 -11.38 11.30
C ARG A 171 -10.17 -10.06 11.93
N GLN A 172 -9.00 -9.58 11.50
CA GLN A 172 -8.52 -8.28 11.98
C GLN A 172 -9.37 -7.12 11.57
N LEU A 173 -9.81 -7.12 10.32
CA LEU A 173 -10.72 -6.11 9.83
C LEU A 173 -12.05 -6.20 10.57
N GLU A 174 -12.56 -7.42 10.81
CA GLU A 174 -13.85 -7.54 11.56
C GLU A 174 -13.78 -6.96 12.95
N MET A 175 -12.63 -7.10 13.59
CA MET A 175 -12.51 -6.63 14.95
C MET A 175 -12.72 -5.14 14.94
N ILE A 176 -12.18 -4.43 13.96
CA ILE A 176 -12.39 -3.00 13.91
C ILE A 176 -13.83 -2.67 13.50
N LEU A 177 -14.40 -3.40 12.51
CA LEU A 177 -15.77 -3.12 12.05
C LEU A 177 -16.78 -3.34 13.19
N ASN A 178 -16.53 -4.35 13.99
CA ASN A 178 -17.42 -4.68 15.13
C ASN A 178 -17.15 -3.90 16.40
N LYS A 179 -16.32 -2.86 16.30
CA LYS A 179 -15.89 -2.19 17.52
C LYS A 179 -17.07 -1.41 18.15
N PRO A 180 -17.32 -1.58 19.48
CA PRO A 180 -18.37 -0.73 20.13
C PRO A 180 -18.19 0.79 19.84
N GLY A 181 -19.19 1.47 19.28
CA GLY A 181 -19.11 2.91 18.96
C GLY A 181 -18.07 3.31 17.91
N LEU A 182 -17.66 2.35 17.06
CA LEU A 182 -16.94 2.74 15.84
C LEU A 182 -17.47 4.04 15.26
N LYS A 183 -16.58 5.02 15.00
CA LYS A 183 -16.99 6.18 14.27
C LYS A 183 -16.76 6.15 12.77
N TYR A 184 -15.56 5.68 12.33
CA TYR A 184 -15.26 5.67 10.90
C TYR A 184 -14.72 4.23 10.57
N LYS A 185 -15.34 3.59 9.58
CA LYS A 185 -14.79 2.34 9.00
CA LYS A 185 -14.81 2.35 8.94
C LYS A 185 -13.46 2.67 8.33
N PRO A 186 -12.52 1.69 8.35
CA PRO A 186 -11.36 1.85 7.40
C PRO A 186 -11.87 2.05 5.95
N VAL A 187 -11.26 2.96 5.19
CA VAL A 187 -11.63 3.19 3.82
C VAL A 187 -11.03 2.05 2.96
N CYS A 188 -9.95 1.49 3.46
CA CYS A 188 -9.17 0.57 2.58
C CYS A 188 -8.41 -0.37 3.48
N ASN A 189 -7.96 -1.47 2.86
CA ASN A 189 -7.00 -2.38 3.43
C ASN A 189 -5.95 -2.62 2.36
N GLN A 190 -4.74 -2.14 2.64
CA GLN A 190 -3.68 -2.27 1.62
C GLN A 190 -2.90 -3.57 1.92
N VAL A 191 -2.85 -4.49 0.93
CA VAL A 191 -2.36 -5.84 1.28
C VAL A 191 -1.54 -6.32 0.06
N GLU A 192 -0.77 -7.37 0.29
CA GLU A 192 -0.07 -7.99 -0.83
C GLU A 192 -1.04 -8.65 -1.76
N CYS A 193 -0.96 -8.32 -3.07
CA CYS A 193 -2.00 -8.88 -3.97
C CYS A 193 -1.51 -8.77 -5.40
N HIS A 194 -1.53 -9.90 -6.07
CA HIS A 194 -0.97 -10.06 -7.44
C HIS A 194 -1.49 -11.42 -7.94
N PRO A 195 -1.18 -11.81 -9.21
CA PRO A 195 -1.80 -13.03 -9.71
C PRO A 195 -1.34 -14.36 -9.08
N TYR A 196 -0.20 -14.31 -8.36
CA TYR A 196 0.07 -15.58 -7.53
C TYR A 196 -0.47 -15.56 -6.12
N PHE A 197 -1.18 -14.47 -5.74
CA PHE A 197 -1.74 -14.38 -4.38
C PHE A 197 -2.87 -13.33 -4.46
N ASN A 198 -3.99 -13.73 -5.11
CA ASN A 198 -4.92 -12.72 -5.65
C ASN A 198 -5.95 -12.29 -4.65
N ARG A 199 -5.93 -12.95 -3.50
CA ARG A 199 -6.76 -12.46 -2.33
C ARG A 199 -8.28 -12.44 -2.65
N SER A 200 -8.76 -13.41 -3.45
N SER A 200 -8.79 -13.28 -3.55
CA SER A 200 -10.13 -13.33 -4.00
CA SER A 200 -10.19 -13.08 -4.01
C SER A 200 -11.18 -13.24 -2.92
C SER A 200 -11.20 -13.14 -2.85
N LYS A 201 -11.01 -14.08 -1.91
CA LYS A 201 -11.99 -14.15 -0.77
C LYS A 201 -11.93 -12.89 0.09
N LEU A 202 -10.72 -12.39 0.34
CA LEU A 202 -10.55 -11.16 1.15
C LEU A 202 -11.16 -9.98 0.35
N LEU A 203 -10.96 -9.99 -0.98
CA LEU A 203 -11.46 -8.91 -1.87
C LEU A 203 -13.00 -8.92 -1.79
N ASP A 204 -13.59 -10.12 -1.85
CA ASP A 204 -15.07 -10.20 -1.73
CA ASP A 204 -15.06 -10.20 -1.74
C ASP A 204 -15.57 -9.62 -0.44
N PHE A 205 -14.89 -9.92 0.63
CA PHE A 205 -15.28 -9.52 1.95
C PHE A 205 -15.17 -7.97 2.02
N CYS A 206 -14.01 -7.47 1.58
CA CYS A 206 -13.87 -5.99 1.48
C CYS A 206 -14.96 -5.35 0.65
N LYS A 207 -15.29 -5.86 -0.56
CA LYS A 207 -16.34 -5.30 -1.43
C LYS A 207 -17.67 -5.31 -0.64
N SER A 208 -17.91 -6.36 0.16
CA SER A 208 -19.20 -6.51 0.88
C SER A 208 -19.32 -5.44 1.90
N LYS A 209 -18.19 -4.90 2.38
CA LYS A 209 -18.20 -3.88 3.42
C LYS A 209 -17.89 -2.46 2.92
N ASP A 210 -17.90 -2.28 1.61
CA ASP A 210 -17.54 -1.02 0.92
C ASP A 210 -16.14 -0.56 1.34
N ILE A 211 -15.22 -1.51 1.52
CA ILE A 211 -13.82 -1.18 1.89
C ILE A 211 -12.99 -1.45 0.59
N VAL A 212 -12.06 -0.56 0.18
CA VAL A 212 -11.31 -0.76 -1.05
C VAL A 212 -10.13 -1.66 -0.69
N LEU A 213 -9.79 -2.61 -1.57
CA LEU A 213 -8.57 -3.35 -1.37
C LEU A 213 -7.52 -2.65 -2.22
N VAL A 214 -6.36 -2.32 -1.63
CA VAL A 214 -5.28 -1.68 -2.36
C VAL A 214 -4.16 -2.72 -2.47
N ALA A 215 -3.72 -3.00 -3.71
CA ALA A 215 -2.75 -4.09 -3.89
C ALA A 215 -1.33 -3.50 -3.84
N TYR A 216 -0.50 -4.03 -2.97
CA TYR A 216 0.98 -3.78 -3.07
C TYR A 216 1.66 -5.04 -3.58
N SER A 217 2.93 -4.88 -4.01
CA SER A 217 3.72 -5.97 -4.70
C SER A 217 2.90 -6.53 -5.87
N ALA A 218 2.12 -5.64 -6.50
CA ALA A 218 1.28 -6.11 -7.61
C ALA A 218 2.11 -6.54 -8.82
N LEU A 219 3.38 -6.12 -8.84
CA LEU A 219 4.24 -6.53 -9.98
C LEU A 219 5.22 -7.59 -9.47
N GLY A 220 4.96 -8.14 -8.27
CA GLY A 220 5.70 -9.33 -7.84
C GLY A 220 6.74 -8.92 -6.78
N SER A 221 6.71 -7.70 -6.23
CA SER A 221 7.67 -7.23 -5.19
C SER A 221 9.07 -6.92 -5.73
N GLN A 222 9.82 -6.27 -4.87
CA GLN A 222 11.20 -5.88 -5.19
C GLN A 222 12.13 -7.05 -4.90
N ARG A 223 11.56 -8.12 -4.37
CA ARG A 223 12.37 -9.32 -4.06
C ARG A 223 13.55 -9.04 -3.17
N ASP A 224 13.32 -8.20 -2.17
CA ASP A 224 14.43 -7.78 -1.26
C ASP A 224 14.78 -9.03 -0.48
N LYS A 225 16.07 -9.39 -0.45
CA LYS A 225 16.56 -10.58 0.28
C LYS A 225 16.24 -10.56 1.80
N ARG A 226 15.88 -9.41 2.38
CA ARG A 226 15.57 -9.36 3.82
C ARG A 226 14.29 -10.13 4.08
N TRP A 227 13.39 -10.23 3.07
CA TRP A 227 12.05 -10.83 3.37
C TRP A 227 11.58 -11.80 2.30
N VAL A 228 12.28 -11.84 1.15
CA VAL A 228 11.76 -12.55 -0.03
C VAL A 228 12.77 -13.64 -0.41
N ASP A 229 12.28 -14.88 -0.57
CA ASP A 229 13.18 -15.96 -1.03
C ASP A 229 13.51 -15.74 -2.50
N PRO A 230 14.81 -15.63 -2.84
CA PRO A 230 15.12 -15.42 -4.26
C PRO A 230 14.79 -16.67 -5.10
N ASN A 231 14.54 -17.83 -4.50
CA ASN A 231 14.05 -18.96 -5.25
C ASN A 231 12.57 -18.89 -5.72
N SER A 232 11.84 -18.00 -5.10
CA SER A 232 10.44 -17.81 -5.50
C SER A 232 10.27 -17.47 -6.98
N PRO A 233 9.15 -17.88 -7.55
CA PRO A 233 9.01 -17.56 -9.02
C PRO A 233 8.94 -16.06 -9.25
N VAL A 234 9.39 -15.59 -10.44
CA VAL A 234 9.45 -14.17 -10.64
C VAL A 234 8.13 -13.85 -11.36
N LEU A 235 7.27 -13.06 -10.72
CA LEU A 235 5.93 -12.94 -11.30
C LEU A 235 5.99 -12.42 -12.77
N LEU A 236 6.83 -11.43 -13.06
CA LEU A 236 6.78 -10.82 -14.41
C LEU A 236 7.41 -11.69 -15.48
N GLU A 237 7.91 -12.86 -15.12
CA GLU A 237 8.38 -13.89 -16.09
C GLU A 237 7.28 -14.94 -16.31
N ASP A 238 6.12 -14.81 -15.65
CA ASP A 238 5.12 -15.76 -15.83
C ASP A 238 4.70 -15.99 -17.33
N PRO A 239 4.54 -17.26 -17.75
CA PRO A 239 4.22 -17.55 -19.21
C PRO A 239 2.82 -17.09 -19.59
N VAL A 240 1.87 -17.10 -18.64
CA VAL A 240 0.52 -16.61 -18.98
C VAL A 240 0.61 -15.15 -19.11
N LEU A 241 1.24 -14.45 -18.16
CA LEU A 241 1.31 -13.00 -18.31
C LEU A 241 2.07 -12.64 -19.62
N CSX A 242 3.15 -13.38 -19.94
CA CSX A 242 3.90 -13.16 -21.22
CB CSX A 242 5.12 -14.07 -21.28
SG CSX A 242 6.14 -13.76 -22.71
C CSX A 242 2.97 -13.31 -22.43
O CSX A 242 2.89 -12.42 -23.31
OD CSX A 242 6.51 -12.29 -22.69
N ALA A 243 2.18 -14.34 -22.41
CA ALA A 243 1.33 -14.69 -23.57
C ALA A 243 0.29 -13.60 -23.71
N LEU A 244 -0.20 -13.14 -22.58
CA LEU A 244 -1.21 -12.02 -22.62
C LEU A 244 -0.60 -10.67 -23.01
N ALA A 245 0.65 -10.42 -22.62
CA ALA A 245 1.36 -9.19 -23.03
C ALA A 245 1.54 -9.23 -24.58
N LYS A 246 1.89 -10.39 -25.15
CA LYS A 246 2.07 -10.50 -26.63
C LYS A 246 0.70 -10.33 -27.30
N LYS A 247 -0.39 -10.90 -26.73
CA LYS A 247 -1.74 -10.72 -27.34
C LYS A 247 -2.15 -9.25 -27.42
N HIS A 248 -1.93 -8.49 -26.31
CA HIS A 248 -2.31 -7.12 -26.25
C HIS A 248 -1.25 -6.18 -26.78
N LYS A 249 -0.09 -6.73 -27.15
CA LYS A 249 1.12 -5.88 -27.46
C LYS A 249 1.31 -4.78 -26.38
N ARG A 250 1.34 -5.28 -25.13
CA ARG A 250 1.71 -4.51 -23.94
C ARG A 250 2.87 -5.21 -23.24
N THR A 251 2.90 -5.21 -21.93
CA THR A 251 4.04 -5.87 -21.24
C THR A 251 3.42 -6.65 -20.06
N PRO A 252 4.16 -7.62 -19.55
CA PRO A 252 3.56 -8.43 -18.46
C PRO A 252 3.21 -7.50 -17.25
N ALA A 253 4.02 -6.48 -16.95
CA ALA A 253 3.66 -5.54 -15.85
C ALA A 253 2.30 -4.89 -16.10
N LEU A 254 2.11 -4.45 -17.36
CA LEU A 254 0.81 -3.79 -17.64
C LEU A 254 -0.38 -4.75 -17.54
N ILE A 255 -0.16 -6.02 -17.94
CA ILE A 255 -1.21 -7.06 -17.76
C ILE A 255 -1.53 -7.19 -16.24
N ALA A 256 -0.48 -7.31 -15.43
CA ALA A 256 -0.70 -7.48 -13.98
C ALA A 256 -1.38 -6.28 -13.32
N LEU A 257 -1.06 -5.04 -13.82
CA LEU A 257 -1.77 -3.90 -13.26
C LEU A 257 -3.24 -3.81 -13.73
N ARG A 258 -3.48 -4.08 -15.02
CA ARG A 258 -4.85 -3.97 -15.56
C ARG A 258 -5.77 -5.03 -14.95
N TYR A 259 -5.18 -6.18 -14.62
CA TYR A 259 -5.93 -7.25 -13.96
C TYR A 259 -6.58 -6.68 -12.69
N GLN A 260 -5.77 -6.00 -11.88
CA GLN A 260 -6.28 -5.43 -10.61
C GLN A 260 -7.38 -4.41 -10.88
N LEU A 261 -7.21 -3.51 -11.81
CA LEU A 261 -8.24 -2.48 -12.02
C LEU A 261 -9.57 -3.12 -12.37
N GLN A 262 -9.51 -4.15 -13.23
CA GLN A 262 -10.76 -4.79 -13.66
C GLN A 262 -11.46 -5.61 -12.58
N ARG A 263 -10.71 -5.97 -11.53
CA ARG A 263 -11.30 -6.61 -10.36
C ARG A 263 -11.78 -5.59 -9.32
N GLY A 264 -11.66 -4.29 -9.61
CA GLY A 264 -12.05 -3.25 -8.60
C GLY A 264 -11.08 -3.11 -7.45
N VAL A 265 -9.79 -3.43 -7.71
CA VAL A 265 -8.72 -3.28 -6.74
C VAL A 265 -7.96 -1.98 -7.18
N VAL A 266 -7.63 -1.11 -6.23
CA VAL A 266 -6.77 0.02 -6.53
C VAL A 266 -5.36 -0.55 -6.47
N VAL A 267 -4.55 -0.15 -7.46
CA VAL A 267 -3.24 -0.86 -7.60
C VAL A 267 -2.06 0.13 -7.47
N LEU A 268 -1.08 -0.23 -6.66
CA LEU A 268 0.21 0.49 -6.59
C LEU A 268 1.19 -0.12 -7.57
N ALA A 269 2.18 0.71 -7.94
CA ALA A 269 3.22 0.24 -8.84
C ALA A 269 4.50 1.02 -8.48
N LYS A 270 5.53 0.35 -7.93
CA LYS A 270 6.82 1.10 -7.72
C LYS A 270 7.67 0.98 -8.94
N SER A 271 8.27 2.14 -9.37
CA SER A 271 9.35 2.01 -10.33
C SER A 271 10.22 3.18 -10.08
N TYR A 272 11.52 2.94 -10.09
CA TYR A 272 12.47 4.09 -9.97
C TYR A 272 13.15 4.30 -11.35
N ASN A 273 12.55 3.74 -12.41
CA ASN A 273 13.10 3.76 -13.79
C ASN A 273 12.26 4.66 -14.63
N GLU A 274 12.87 5.70 -15.24
CA GLU A 274 12.02 6.66 -15.96
C GLU A 274 11.05 6.08 -17.03
N GLN A 275 11.57 5.15 -17.85
CA GLN A 275 10.78 4.52 -18.93
C GLN A 275 9.62 3.74 -18.27
N ARG A 276 9.93 2.95 -17.22
CA ARG A 276 8.86 2.08 -16.63
C ARG A 276 7.83 2.90 -15.90
N ILE A 277 8.24 4.03 -15.29
CA ILE A 277 7.27 4.89 -14.66
C ILE A 277 6.25 5.40 -15.68
N ARG A 278 6.76 5.86 -16.85
CA ARG A 278 5.83 6.27 -17.89
C ARG A 278 5.02 5.14 -18.54
N GLN A 279 5.63 3.96 -18.70
CA GLN A 279 4.93 2.78 -19.15
C GLN A 279 3.69 2.49 -18.29
N ASN A 280 3.82 2.58 -16.97
CA ASN A 280 2.79 2.01 -16.13
C ASN A 280 1.45 2.76 -16.25
N VAL A 281 1.46 4.06 -16.65
CA VAL A 281 0.21 4.77 -16.77
C VAL A 281 -0.51 4.32 -18.03
N GLN A 282 0.14 3.48 -18.86
CA GLN A 282 -0.55 2.87 -20.01
C GLN A 282 -1.66 1.91 -19.56
N VAL A 283 -1.71 1.63 -18.27
CA VAL A 283 -2.76 0.70 -17.80
C VAL A 283 -4.18 1.14 -18.17
N PHE A 284 -4.38 2.45 -18.36
CA PHE A 284 -5.72 2.97 -18.71
C PHE A 284 -6.00 2.88 -20.21
N GLU A 285 -5.04 2.44 -21.00
CA GLU A 285 -5.14 2.55 -22.48
C GLU A 285 -5.66 1.27 -23.09
N PHE A 286 -5.85 0.20 -22.32
CA PHE A 286 -6.36 -1.04 -22.93
C PHE A 286 -7.21 -1.83 -21.93
N GLN A 287 -7.86 -2.89 -22.37
CA GLN A 287 -8.54 -3.73 -21.43
C GLN A 287 -8.42 -5.18 -21.78
N LEU A 288 -8.71 -6.03 -20.77
CA LEU A 288 -8.63 -7.45 -20.90
C LEU A 288 -10.01 -8.05 -21.05
N THR A 289 -10.11 -9.16 -21.77
CA THR A 289 -11.40 -9.83 -21.89
C THR A 289 -11.71 -10.73 -20.71
N ALA A 290 -12.93 -11.24 -20.61
CA ALA A 290 -13.24 -12.22 -19.53
C ALA A 290 -12.30 -13.43 -19.61
N GLU A 291 -11.95 -13.91 -20.83
CA GLU A 291 -11.18 -15.17 -20.87
C GLU A 291 -9.75 -14.81 -20.36
N ASP A 292 -9.31 -13.59 -20.68
CA ASP A 292 -7.99 -13.11 -20.19
C ASP A 292 -7.98 -13.05 -18.65
N MET A 293 -9.06 -12.50 -18.11
CA MET A 293 -9.14 -12.46 -16.62
C MET A 293 -9.19 -13.86 -16.00
N LYS A 294 -9.92 -14.77 -16.64
CA LYS A 294 -9.96 -16.13 -16.15
C LYS A 294 -8.59 -16.78 -16.18
N ALA A 295 -7.83 -16.51 -17.24
CA ALA A 295 -6.47 -17.09 -17.29
C ALA A 295 -5.55 -16.56 -16.18
N ILE A 296 -5.65 -15.25 -15.90
CA ILE A 296 -4.86 -14.68 -14.81
C ILE A 296 -5.38 -15.23 -13.46
N ASP A 297 -6.68 -15.32 -13.24
CA ASP A 297 -7.23 -15.87 -11.97
C ASP A 297 -6.73 -17.28 -11.76
N GLY A 298 -6.44 -17.97 -12.85
CA GLY A 298 -5.92 -19.33 -12.72
C GLY A 298 -4.49 -19.42 -12.22
N LEU A 299 -3.75 -18.30 -12.14
CA LEU A 299 -2.36 -18.36 -11.67
C LEU A 299 -2.32 -18.38 -10.15
N ASP A 300 -3.45 -18.11 -9.45
CA ASP A 300 -3.42 -17.98 -7.96
C ASP A 300 -2.75 -19.23 -7.35
N ARG A 301 -1.84 -19.01 -6.42
CA ARG A 301 -1.06 -20.13 -5.86
C ARG A 301 -0.64 -19.92 -4.42
N ASN A 302 -1.35 -19.06 -3.71
CA ASN A 302 -1.08 -18.86 -2.24
C ASN A 302 0.37 -18.44 -1.99
N LEU A 303 0.93 -17.60 -2.85
CA LEU A 303 2.32 -17.22 -2.79
C LEU A 303 2.45 -15.77 -2.30
N HIS A 304 2.77 -15.58 -0.99
CA HIS A 304 3.13 -14.26 -0.53
C HIS A 304 4.63 -14.10 -0.58
N TYR A 305 5.08 -13.14 -1.35
CA TYR A 305 6.55 -12.87 -1.46
C TYR A 305 7.16 -12.47 -0.13
N PHE A 306 6.46 -11.70 0.69
CA PHE A 306 7.04 -11.34 2.03
C PHE A 306 6.84 -12.54 2.87
N ASN A 307 7.96 -13.24 3.19
CA ASN A 307 7.80 -14.59 3.81
C ASN A 307 8.96 -14.74 4.70
N SER A 308 8.84 -14.23 5.93
CA SER A 308 10.05 -14.07 6.78
C SER A 308 9.72 -14.48 8.23
N ASP A 309 10.72 -15.01 8.93
CA ASP A 309 10.63 -15.29 10.37
C ASP A 309 10.29 -14.00 11.12
N SER A 310 10.71 -12.85 10.58
CA SER A 310 10.36 -11.64 11.34
C SER A 310 8.85 -11.33 11.40
N PHE A 311 8.03 -11.95 10.52
CA PHE A 311 6.58 -11.81 10.58
C PHE A 311 5.92 -13.08 11.09
N ALA A 312 6.38 -14.25 10.59
CA ALA A 312 5.57 -15.44 10.72
C ALA A 312 5.45 -15.94 12.17
N SER A 313 6.38 -15.55 13.00
CA SER A 313 6.27 -15.90 14.41
C SER A 313 5.55 -14.83 15.22
N HIS A 314 4.96 -13.80 14.58
CA HIS A 314 4.26 -12.77 15.40
C HIS A 314 2.94 -13.22 15.85
N PRO A 315 2.59 -12.91 17.14
CA PRO A 315 1.25 -13.32 17.50
C PRO A 315 0.16 -12.80 16.63
N ASN A 316 0.36 -11.69 15.88
CA ASN A 316 -0.71 -11.08 15.08
C ASN A 316 -0.44 -11.16 13.57
N TYR A 317 0.41 -12.13 13.21
CA TYR A 317 0.69 -12.45 11.76
C TYR A 317 -0.57 -12.60 10.95
N PRO A 318 -0.69 -11.78 9.89
CA PRO A 318 -1.92 -11.78 9.21
C PRO A 318 -2.16 -13.05 8.45
N TYR A 319 -1.10 -13.79 8.13
CA TYR A 319 -1.37 -14.97 7.27
C TYR A 319 -1.63 -16.25 8.05
N SER A 320 -1.87 -16.14 9.37
N SER A 320 -1.87 -16.15 9.37
CA SER A 320 -2.23 -17.34 10.19
CA SER A 320 -2.22 -17.35 10.17
C SER A 320 -3.59 -17.96 9.88
C SER A 320 -3.60 -17.97 9.86
N ASP A 321 -4.46 -17.16 9.23
CA ASP A 321 -5.81 -17.61 8.95
C ASP A 321 -5.85 -18.16 7.48
N GLU A 322 -7.00 -18.52 6.96
PA NAP B . 6.11 -3.56 -7.12
O1A NAP B . 5.14 -2.49 -7.44
O2A NAP B . 5.61 -4.95 -7.01
O5B NAP B . 7.30 -3.48 -8.19
C5B NAP B . 8.24 -4.57 -8.20
C4B NAP B . 9.38 -4.14 -9.21
O4B NAP B . 8.64 -3.99 -10.49
C3B NAP B . 9.92 -2.75 -8.90
O3B NAP B . 11.13 -2.86 -8.19
C2B NAP B . 10.21 -2.22 -10.35
O2B NAP B . 11.63 -2.16 -10.71
C1B NAP B . 9.50 -3.17 -11.31
N9A NAP B . 8.69 -2.60 -12.38
C8A NAP B . 7.85 -1.58 -12.23
N7A NAP B . 7.26 -1.31 -13.38
C5A NAP B . 7.69 -2.24 -14.27
C6A NAP B . 7.43 -2.42 -15.64
N6A NAP B . 6.55 -1.62 -16.32
N1A NAP B . 8.05 -3.44 -16.25
C2A NAP B . 8.97 -4.21 -15.61
N3A NAP B . 9.28 -4.04 -14.30
C4A NAP B . 8.60 -3.04 -13.65
O3 NAP B . 6.88 -3.15 -5.79
PN NAP B . 6.62 -3.09 -4.22
O1N NAP B . 7.58 -2.10 -3.73
O2N NAP B . 6.56 -4.46 -3.63
O5D NAP B . 5.12 -2.57 -4.12
C5D NAP B . 4.78 -1.23 -4.56
C4D NAP B . 4.60 -0.24 -3.36
O4D NAP B . 3.55 -0.81 -2.49
C3D NAP B . 5.81 -0.10 -2.43
O3D NAP B . 6.73 0.84 -3.05
C2D NAP B . 5.13 0.58 -1.23
O2D NAP B . 4.68 1.92 -1.65
C1D NAP B . 3.83 -0.23 -1.19
N1N NAP B . 4.11 -1.45 -0.32
C2N NAP B . 3.47 -1.49 0.89
C3N NAP B . 3.60 -2.55 1.75
C7N NAP B . 2.84 -2.55 3.07
O7N NAP B . 3.28 -3.24 3.99
N7N NAP B . 1.70 -1.74 3.13
C4N NAP B . 4.46 -3.68 1.49
C5N NAP B . 5.14 -3.64 0.24
C6N NAP B . 4.86 -2.58 -0.65
P2B NAP B . 12.23 -0.72 -11.21
O1X NAP B . 13.64 -1.19 -11.62
O2X NAP B . 11.32 -0.32 -12.38
O3X NAP B . 12.14 0.24 -10.05
OAA VJJ C . 6.95 -1.22 1.24
OAB VJJ C . 5.71 -1.07 3.08
CAC VJJ C . 3.98 -6.52 6.43
CAD VJJ C . 4.61 -6.66 5.22
CAE VJJ C . 4.58 -5.75 7.42
CAF VJJ C . 9.82 -3.30 3.34
CAG VJJ C . 5.87 -6.04 5.13
CAH VJJ C . 5.82 -5.11 7.38
CAI VJJ C . 9.37 -4.08 4.40
CAJ VJJ C . 8.89 -2.46 2.65
CAK VJJ C . 7.11 -3.17 4.20
OAL VJJ C . 7.67 -4.75 5.90
CAM VJJ C . 6.72 -1.56 2.45
CAN VJJ C . 6.46 -5.24 6.15
CAO VJJ C . 8.05 -4.04 4.82
CAP VJJ C . 7.54 -2.44 3.10
C1 EDO D . 9.71 -5.12 8.68
O1 EDO D . 9.39 -5.15 10.09
C2 EDO D . 10.42 -3.81 8.36
O2 EDO D . 11.68 -3.78 9.04
C1 EDO E . -4.98 8.13 -11.73
O1 EDO E . -5.58 6.98 -11.07
C2 EDO E . -3.45 8.01 -11.76
O2 EDO E . -2.97 8.17 -10.38
C1 EDO F . 13.32 -0.70 7.03
O1 EDO F . 13.57 -2.04 7.40
C2 EDO F . 12.90 -0.78 5.58
O2 EDO F . 14.06 -0.34 4.86
C1 EDO G . -6.71 13.44 -5.23
O1 EDO G . -6.95 13.33 -3.82
C2 EDO G . -7.79 12.61 -5.90
O2 EDO G . -9.05 13.16 -5.47
#